data_3A4P
#
_entry.id   3A4P
#
_cell.length_a   157.227
_cell.length_b   42.733
_cell.length_c   46.039
_cell.angle_alpha   90.000
_cell.angle_beta   102.910
_cell.angle_gamma   90.000
#
_symmetry.space_group_name_H-M   'C 1 2 1'
#
loop_
_entity.id
_entity.type
_entity.pdbx_description
1 polymer 'Hepatocyte growth factor receptor'
2 non-polymer 'CHLORIDE ION'
3 non-polymer 'ISOPROPYL ALCOHOL'
4 non-polymer (2E)-3-{6-[(1R)-1-(2,6-dichloro-3-fluorophenyl)ethoxy]quinolin-3-yl}-N-methylprop-2-enamide
5 water water
#
_entity_poly.entity_id   1
_entity_poly.type   'polypeptide(L)'
_entity_poly.pdbx_seq_one_letter_code
;GPLHMGSNTVHIDLSALNPELVQAVQHVVIGPSSLIVHFNEVIGRGHFGCVYHGTLLDNDGKKIHCAVKSLNRITDIGEV
SQFLTEGIIMKDFSHPNVLSLLGICLRSEGSPLVVLPYMKHGDLRNFIRNETHNPTVKDLIGFGLQVAKGMKFLASKKFV
HRDLAARNCMLDEKFTVKVADFGLARDMYDKEFDSVHNKTGAKLPVKWMALESLQTQKFTTKSDVWSFGVLLWELMTRGA
PPYPDVNTFDITVYLLQGRRLLQPEYCPDPLYEVMLKCWHPKAEMRPSFSELVSRISAIFSTFIGEHYVHVNATYVNVK
;
_entity_poly.pdbx_strand_id   A
#
loop_
_chem_comp.id
_chem_comp.type
_chem_comp.name
_chem_comp.formula
CL non-polymer 'CHLORIDE ION' 'Cl -1'
DFQ non-polymer (2E)-3-{6-[(1R)-1-(2,6-dichloro-3-fluorophenyl)ethoxy]quinolin-3-yl}-N-methylprop-2-enamide 'C21 H17 Cl2 F N2 O2'
IPA non-polymer 'ISOPROPYL ALCOHOL' 'C3 H8 O'
#
# COMPACT_ATOMS: atom_id res chain seq x y z
N VAL A 22 27.19 13.99 -4.84
CA VAL A 22 28.14 13.63 -5.92
C VAL A 22 28.45 12.11 -5.85
N GLN A 23 29.60 11.73 -5.28
CA GLN A 23 30.09 10.34 -5.28
C GLN A 23 29.16 9.35 -4.55
N ALA A 24 28.87 9.60 -3.27
CA ALA A 24 28.11 8.67 -2.44
C ALA A 24 26.67 8.43 -2.97
N VAL A 25 26.09 9.51 -3.48
CA VAL A 25 24.71 9.56 -3.98
C VAL A 25 24.45 8.71 -5.23
N GLN A 26 25.55 8.39 -5.91
CA GLN A 26 25.60 7.80 -7.25
C GLN A 26 24.72 6.56 -7.51
N HIS A 27 24.62 5.65 -6.54
CA HIS A 27 23.87 4.40 -6.76
C HIS A 27 22.35 4.60 -6.98
N VAL A 28 21.90 5.84 -6.80
CA VAL A 28 20.49 6.14 -6.92
C VAL A 28 20.23 6.77 -8.30
N VAL A 29 21.03 7.79 -8.62
CA VAL A 29 20.85 8.65 -9.79
C VAL A 29 20.80 7.93 -11.14
N ILE A 30 19.77 8.20 -11.94
CA ILE A 30 19.70 7.73 -13.35
C ILE A 30 19.90 8.93 -14.29
N GLY A 31 20.78 8.77 -15.29
CA GLY A 31 20.94 9.79 -16.33
C GLY A 31 19.68 10.05 -17.16
N PRO A 32 19.41 11.33 -17.52
CA PRO A 32 18.25 11.65 -18.35
C PRO A 32 18.30 10.90 -19.69
N SER A 33 19.52 10.62 -20.16
CA SER A 33 19.71 9.89 -21.41
C SER A 33 19.30 8.41 -21.32
N SER A 34 19.22 7.84 -20.12
CA SER A 34 18.86 6.43 -19.97
C SER A 34 17.35 6.24 -19.84
N LEU A 35 16.62 7.33 -19.68
CA LEU A 35 15.20 7.26 -19.40
C LEU A 35 14.31 7.85 -20.49
N ILE A 36 13.45 6.98 -21.05
CA ILE A 36 12.37 7.34 -21.99
C ILE A 36 11.05 7.28 -21.27
N VAL A 37 10.49 8.45 -20.98
CA VAL A 37 9.18 8.60 -20.34
C VAL A 37 8.11 8.69 -21.44
N HIS A 38 7.10 7.85 -21.36
CA HIS A 38 6.03 7.81 -22.37
C HIS A 38 4.84 8.67 -21.94
N PHE A 39 4.91 9.97 -22.28
CA PHE A 39 3.98 11.01 -21.78
C PHE A 39 2.56 10.90 -22.30
N ASN A 40 2.36 10.00 -23.25
CA ASN A 40 1.05 9.78 -23.84
C ASN A 40 0.24 8.78 -23.02
N GLU A 41 0.93 7.99 -22.19
CA GLU A 41 0.35 6.84 -21.50
C GLU A 41 0.34 6.97 -19.97
N VAL A 42 -0.68 7.66 -19.46
CA VAL A 42 -0.84 7.95 -18.04
C VAL A 42 -1.28 6.70 -17.24
N ILE A 43 -0.68 6.48 -16.06
CA ILE A 43 -0.98 5.33 -15.21
C ILE A 43 -1.91 5.74 -14.07
N GLY A 44 -1.83 6.99 -13.65
CA GLY A 44 -2.39 7.38 -12.37
C GLY A 44 -2.23 8.87 -12.17
N ARG A 45 -3.21 9.47 -11.50
CA ARG A 45 -3.24 10.91 -11.25
C ARG A 45 -2.99 11.07 -9.76
N GLY A 46 -2.18 12.06 -9.40
CA GLY A 46 -1.89 12.33 -7.99
C GLY A 46 -1.86 13.82 -7.74
N HIS A 47 -2.11 14.24 -6.50
CA HIS A 47 -2.01 15.65 -6.13
C HIS A 47 -0.64 16.28 -6.51
N PHE A 48 0.43 15.48 -6.47
CA PHE A 48 1.82 15.97 -6.65
C PHE A 48 2.48 15.57 -7.98
N GLY A 49 1.69 15.34 -9.01
CA GLY A 49 2.21 14.84 -10.28
C GLY A 49 1.50 13.62 -10.81
N CYS A 50 1.84 13.26 -12.05
CA CYS A 50 1.30 12.11 -12.79
C CYS A 50 2.29 10.96 -12.84
N VAL A 51 1.75 9.76 -13.06
CA VAL A 51 2.54 8.56 -13.26
C VAL A 51 2.35 8.07 -14.70
N TYR A 52 3.47 7.79 -15.38
CA TYR A 52 3.44 7.28 -16.78
C TYR A 52 4.32 6.05 -16.84
N HIS A 53 4.09 5.25 -17.88
CA HIS A 53 4.94 4.11 -18.13
C HIS A 53 6.26 4.72 -18.48
N GLY A 54 7.34 3.95 -18.33
CA GLY A 54 8.67 4.40 -18.71
C GLY A 54 9.47 3.25 -19.27
N THR A 55 10.57 3.58 -19.95
CA THR A 55 11.54 2.58 -20.44
C THR A 55 12.91 3.00 -19.92
N LEU A 56 13.52 2.10 -19.17
CA LEU A 56 14.86 2.30 -18.61
C LEU A 56 15.82 1.47 -19.42
N LEU A 57 17.05 1.96 -19.54
CA LEU A 57 18.09 1.34 -20.34
C LEU A 57 19.31 0.81 -19.55
N ASP A 58 20.16 0.06 -20.27
CA ASP A 58 21.35 -0.65 -19.76
C ASP A 58 20.97 -1.70 -18.70
N LYS A 62 19.70 -2.79 -23.04
CA LYS A 62 18.47 -3.39 -22.49
C LYS A 62 17.30 -2.42 -22.18
N LYS A 63 16.07 -2.91 -22.38
CA LYS A 63 14.84 -2.14 -22.18
C LYS A 63 14.09 -2.72 -21.00
N ILE A 64 14.14 -2.00 -19.89
CA ILE A 64 13.41 -2.35 -18.68
C ILE A 64 12.11 -1.52 -18.63
N HIS A 65 10.99 -2.16 -18.31
CA HIS A 65 9.72 -1.43 -18.22
C HIS A 65 9.61 -0.93 -16.81
N CYS A 66 9.28 0.35 -16.68
CA CYS A 66 9.18 0.98 -15.35
C CYS A 66 7.95 1.89 -15.28
N ALA A 67 7.61 2.35 -14.08
CA ALA A 67 6.63 3.43 -13.93
C ALA A 67 7.39 4.69 -13.49
N VAL A 68 7.01 5.84 -14.06
CA VAL A 68 7.73 7.08 -13.82
C VAL A 68 6.82 8.20 -13.30
N LYS A 69 7.03 8.63 -12.05
CA LYS A 69 6.30 9.76 -11.50
C LYS A 69 7.01 11.08 -11.74
N SER A 70 6.30 12.06 -12.32
CA SER A 70 6.81 13.43 -12.43
C SER A 70 6.37 14.24 -11.21
N LEU A 71 7.32 14.87 -10.53
CA LEU A 71 7.02 15.76 -9.39
C LEU A 71 7.02 17.22 -9.86
N ASN A 72 5.94 17.94 -9.55
CA ASN A 72 5.76 19.31 -10.02
C ASN A 72 6.66 20.26 -9.24
N ARG A 73 6.82 19.96 -7.95
CA ARG A 73 7.49 20.84 -6.97
C ARG A 73 8.84 21.44 -7.41
N ILE A 74 9.76 20.58 -7.86
CA ILE A 74 11.21 20.87 -7.81
C ILE A 74 11.71 22.22 -8.36
N THR A 75 12.49 22.91 -7.54
CA THR A 75 13.38 23.98 -7.99
C THR A 75 14.42 24.26 -6.92
N ASP A 76 14.07 23.95 -5.67
CA ASP A 76 14.95 24.21 -4.53
C ASP A 76 16.30 23.50 -4.66
N ILE A 77 17.35 24.18 -4.20
CA ILE A 77 18.67 23.58 -4.02
C ILE A 77 18.59 22.52 -2.93
N GLY A 78 17.91 22.83 -1.83
CA GLY A 78 17.73 21.92 -0.70
C GLY A 78 16.87 20.70 -0.96
N GLU A 79 15.69 20.92 -1.56
CA GLU A 79 14.67 19.86 -1.76
C GLU A 79 14.94 18.95 -2.97
N VAL A 80 15.86 19.35 -3.85
CA VAL A 80 16.41 18.43 -4.86
C VAL A 80 17.40 17.48 -4.14
N SER A 81 18.21 18.05 -3.23
CA SER A 81 19.06 17.25 -2.35
C SER A 81 18.27 16.39 -1.36
N GLN A 82 17.22 16.98 -0.78
CA GLN A 82 16.31 16.32 0.16
C GLN A 82 15.54 15.17 -0.50
N PHE A 83 15.15 15.33 -1.75
CA PHE A 83 14.56 14.22 -2.45
C PHE A 83 15.64 13.21 -2.82
N LEU A 84 16.90 13.62 -2.69
CA LEU A 84 18.01 12.68 -2.80
C LEU A 84 18.14 11.83 -1.55
N THR A 85 17.78 12.40 -0.40
CA THR A 85 17.86 11.70 0.88
C THR A 85 16.89 10.51 0.93
N GLU A 86 15.60 10.76 0.65
CA GLU A 86 14.60 9.69 0.61
C GLU A 86 14.88 8.68 -0.48
N GLY A 87 15.52 9.12 -1.55
CA GLY A 87 16.02 8.21 -2.55
C GLY A 87 17.01 7.22 -1.99
N ILE A 88 17.96 7.70 -1.18
CA ILE A 88 18.93 6.83 -0.52
C ILE A 88 18.21 5.85 0.43
N ILE A 89 17.31 6.39 1.26
CA ILE A 89 16.50 5.58 2.16
C ILE A 89 15.65 4.55 1.41
N MET A 90 14.83 4.98 0.46
CA MET A 90 14.03 4.04 -0.30
C MET A 90 14.87 2.88 -0.88
N LYS A 91 16.08 3.20 -1.39
CA LYS A 91 17.05 2.22 -1.91
C LYS A 91 17.51 1.22 -0.87
N ASP A 92 17.28 1.53 0.41
CA ASP A 92 17.76 0.70 1.52
C ASP A 92 16.60 -0.18 2.08
N PHE A 93 15.43 0.01 1.48
CA PHE A 93 14.22 -0.67 1.84
C PHE A 93 13.98 -1.65 0.72
N SER A 94 14.93 -2.54 0.46
CA SER A 94 14.66 -3.66 -0.41
C SER A 94 14.24 -4.87 0.43
N HIS A 95 13.06 -5.38 0.12
CA HIS A 95 12.53 -6.54 0.72
C HIS A 95 11.48 -6.96 -0.27
N PRO A 96 11.31 -8.29 -0.48
CA PRO A 96 10.37 -8.74 -1.56
C PRO A 96 8.95 -8.20 -1.40
N ASN A 97 8.53 -7.82 -0.19
CA ASN A 97 7.19 -7.29 -0.05
C ASN A 97 7.07 -5.78 0.07
N VAL A 98 8.15 -5.08 -0.26
CA VAL A 98 8.17 -3.64 -0.22
C VAL A 98 8.50 -3.16 -1.63
N LEU A 99 7.78 -2.17 -2.13
CA LEU A 99 8.10 -1.58 -3.45
C LEU A 99 9.37 -0.81 -3.33
N SER A 100 10.34 -1.14 -4.18
CA SER A 100 11.68 -0.50 -4.17
C SER A 100 11.85 0.64 -5.22
N LEU A 101 12.89 1.46 -5.10
CA LEU A 101 13.13 2.51 -6.05
C LEU A 101 14.16 2.00 -7.06
N LEU A 102 13.90 2.14 -8.38
CA LEU A 102 14.97 1.91 -9.37
C LEU A 102 15.97 3.07 -9.29
N GLY A 103 15.47 4.28 -9.54
CA GLY A 103 16.25 5.45 -9.30
C GLY A 103 15.48 6.73 -9.39
N ILE A 104 16.21 7.82 -9.19
CA ILE A 104 15.68 9.15 -9.45
C ILE A 104 16.41 9.72 -10.66
N CYS A 105 15.66 10.53 -11.42
CA CYS A 105 16.22 11.18 -12.57
C CYS A 105 16.23 12.69 -12.40
N LEU A 106 17.43 13.25 -12.40
CA LEU A 106 17.65 14.66 -12.18
C LEU A 106 17.88 15.37 -13.51
N ARG A 107 16.84 16.06 -13.96
CA ARG A 107 16.84 16.71 -15.26
C ARG A 107 17.00 18.22 -15.04
N SER A 108 17.96 18.81 -15.74
CA SER A 108 18.14 20.27 -15.83
C SER A 108 16.92 20.94 -16.46
N GLU A 109 16.21 20.16 -17.29
CA GLU A 109 14.90 20.56 -17.83
C GLU A 109 13.75 20.23 -16.88
N GLY A 110 13.37 21.23 -16.07
CA GLY A 110 12.09 21.29 -15.36
C GLY A 110 11.98 20.53 -14.06
N SER A 111 11.73 19.22 -14.16
CA SER A 111 11.35 18.42 -13.00
C SER A 111 12.22 17.14 -12.88
N PRO A 112 12.23 16.53 -11.65
CA PRO A 112 12.85 15.23 -11.34
C PRO A 112 11.84 14.09 -11.32
N LEU A 113 12.26 12.96 -11.87
CA LEU A 113 11.34 11.88 -12.10
C LEU A 113 11.72 10.68 -11.25
N VAL A 114 10.76 10.23 -10.46
CA VAL A 114 10.90 9.02 -9.65
C VAL A 114 10.65 7.78 -10.51
N VAL A 115 11.62 6.89 -10.56
CA VAL A 115 11.58 5.72 -11.42
C VAL A 115 11.37 4.46 -10.54
N LEU A 116 10.22 3.82 -10.73
CA LEU A 116 9.80 2.68 -9.92
C LEU A 116 9.70 1.37 -10.76
N PRO A 117 9.96 0.19 -10.15
CA PRO A 117 9.73 -1.00 -10.99
C PRO A 117 8.25 -1.15 -11.41
N TYR A 118 8.05 -1.66 -12.61
CA TYR A 118 6.72 -1.81 -13.11
C TYR A 118 6.03 -3.07 -12.54
N MET A 119 4.82 -2.85 -12.03
CA MET A 119 4.03 -3.87 -11.35
C MET A 119 2.89 -4.37 -12.23
N LYS A 120 3.12 -5.49 -12.95
CA LYS A 120 2.19 -6.03 -13.98
C LYS A 120 0.68 -5.99 -13.64
N HIS A 121 0.33 -6.44 -12.45
CA HIS A 121 -1.06 -6.61 -12.06
C HIS A 121 -1.61 -5.36 -11.37
N GLY A 122 -0.80 -4.30 -11.33
CA GLY A 122 -1.20 -3.03 -10.75
C GLY A 122 -1.59 -3.17 -9.31
N ASP A 123 -2.41 -2.26 -8.80
CA ASP A 123 -2.76 -2.32 -7.39
C ASP A 123 -3.68 -3.50 -6.92
N LEU A 124 -3.41 -4.04 -5.75
CA LEU A 124 -4.21 -5.05 -5.07
C LEU A 124 -5.74 -4.81 -4.95
N ARG A 125 -6.20 -3.59 -4.60
CA ARG A 125 -7.65 -3.34 -4.58
C ARG A 125 -8.33 -3.63 -5.91
N ASN A 126 -7.82 -3.10 -7.01
CA ASN A 126 -8.38 -3.39 -8.32
C ASN A 126 -8.18 -4.85 -8.81
N PHE A 127 -7.08 -5.48 -8.45
CA PHE A 127 -6.88 -6.86 -8.81
C PHE A 127 -8.00 -7.79 -8.24
N ILE A 128 -8.22 -7.72 -6.91
CA ILE A 128 -9.31 -8.44 -6.27
C ILE A 128 -10.75 -7.97 -6.66
N ARG A 129 -10.95 -6.68 -7.00
CA ARG A 129 -12.26 -6.24 -7.51
C ARG A 129 -12.58 -6.79 -8.86
N ASN A 130 -11.55 -7.05 -9.68
CA ASN A 130 -11.78 -7.52 -11.09
C ASN A 130 -12.55 -8.83 -11.09
N GLU A 131 -13.71 -8.81 -11.74
CA GLU A 131 -14.67 -9.92 -11.70
C GLU A 131 -14.33 -11.03 -12.72
N THR A 132 -13.17 -10.92 -13.34
CA THR A 132 -12.63 -11.89 -14.29
C THR A 132 -11.68 -12.83 -13.54
N HIS A 133 -11.30 -12.45 -12.32
CA HIS A 133 -10.42 -13.23 -11.48
C HIS A 133 -11.21 -14.04 -10.41
N ASN A 134 -10.69 -15.22 -10.06
CA ASN A 134 -11.30 -16.17 -9.10
C ASN A 134 -10.40 -16.54 -7.89
N PRO A 135 -10.05 -15.55 -7.04
CA PRO A 135 -9.14 -15.98 -5.99
C PRO A 135 -9.86 -16.84 -4.92
N THR A 136 -9.08 -17.59 -4.16
CA THR A 136 -9.63 -18.49 -3.18
C THR A 136 -9.39 -17.81 -1.85
N VAL A 137 -9.98 -18.32 -0.77
CA VAL A 137 -9.62 -17.88 0.57
C VAL A 137 -8.10 -17.98 0.77
N LYS A 138 -7.49 -19.09 0.42
CA LYS A 138 -6.04 -19.22 0.37
C LYS A 138 -5.25 -18.08 -0.30
N ASP A 139 -5.53 -17.73 -1.56
CA ASP A 139 -4.88 -16.56 -2.24
C ASP A 139 -5.00 -15.28 -1.48
N LEU A 140 -6.21 -14.95 -1.03
CA LEU A 140 -6.45 -13.68 -0.30
C LEU A 140 -5.72 -13.57 1.01
N ILE A 141 -5.66 -14.66 1.77
CA ILE A 141 -4.91 -14.65 3.03
C ILE A 141 -3.40 -14.61 2.70
N GLY A 142 -3.01 -15.32 1.65
CA GLY A 142 -1.65 -15.30 1.14
C GLY A 142 -1.27 -13.85 0.87
N PHE A 143 -2.14 -13.11 0.20
CA PHE A 143 -1.85 -11.65 -0.02
C PHE A 143 -1.71 -10.88 1.30
N GLY A 144 -2.61 -11.16 2.24
CA GLY A 144 -2.63 -10.51 3.58
C GLY A 144 -1.33 -10.83 4.26
N LEU A 145 -0.82 -12.05 4.02
CA LEU A 145 0.37 -12.55 4.72
C LEU A 145 1.56 -11.81 4.17
N GLN A 146 1.63 -11.73 2.85
CA GLN A 146 2.67 -10.93 2.18
C GLN A 146 2.77 -9.43 2.59
N VAL A 147 1.64 -8.78 2.82
CA VAL A 147 1.64 -7.42 3.33
C VAL A 147 2.19 -7.35 4.75
N ALA A 148 1.69 -8.22 5.61
CA ALA A 148 2.22 -8.43 7.00
C ALA A 148 3.73 -8.57 7.06
N LYS A 149 4.35 -9.30 6.12
CA LYS A 149 5.78 -9.40 6.04
C LYS A 149 6.51 -8.09 5.57
N GLY A 150 5.99 -7.43 4.54
CA GLY A 150 6.50 -6.09 4.18
C GLY A 150 6.46 -5.15 5.38
N MET A 151 5.33 -5.09 6.05
CA MET A 151 5.15 -4.18 7.21
C MET A 151 6.06 -4.48 8.40
N LYS A 152 6.23 -5.78 8.68
CA LYS A 152 7.21 -6.32 9.63
C LYS A 152 8.59 -5.82 9.30
N PHE A 153 8.97 -5.88 8.04
CA PHE A 153 10.22 -5.34 7.57
C PHE A 153 10.31 -3.83 7.85
N LEU A 154 9.25 -3.09 7.46
CA LEU A 154 9.19 -1.63 7.63
C LEU A 154 9.27 -1.22 9.08
N ALA A 155 8.41 -1.84 9.90
CA ALA A 155 8.37 -1.62 11.34
C ALA A 155 9.70 -1.87 11.99
N SER A 156 10.45 -2.87 11.52
CA SER A 156 11.74 -3.18 12.13
C SER A 156 12.80 -2.14 11.80
N LYS A 157 12.63 -1.40 10.69
CA LYS A 157 13.44 -0.20 10.39
C LYS A 157 12.85 1.06 11.09
N LYS A 158 11.84 0.88 11.94
CA LYS A 158 11.28 2.00 12.68
C LYS A 158 10.50 2.97 11.77
N PHE A 159 9.98 2.45 10.67
CA PHE A 159 9.28 3.27 9.67
C PHE A 159 7.74 3.07 9.81
N VAL A 160 6.99 4.16 9.89
CA VAL A 160 5.52 4.16 10.00
C VAL A 160 4.94 4.65 8.66
N HIS A 161 4.16 3.79 8.03
CA HIS A 161 3.56 4.02 6.73
C HIS A 161 2.49 5.12 6.74
N ARG A 162 1.56 5.07 7.70
CA ARG A 162 0.54 6.13 7.93
C ARG A 162 -0.62 6.02 6.93
N ASP A 163 -0.43 5.30 5.82
CA ASP A 163 -1.46 5.16 4.77
C ASP A 163 -1.57 3.78 4.11
N LEU A 164 -1.66 2.73 4.93
CA LEU A 164 -1.74 1.34 4.51
C LEU A 164 -3.21 1.00 4.14
N ALA A 165 -3.37 0.40 2.98
CA ALA A 165 -4.65 0.20 2.28
C ALA A 165 -4.34 -0.68 1.04
N ALA A 166 -5.30 -1.54 0.68
CA ALA A 166 -5.15 -2.40 -0.49
C ALA A 166 -4.74 -1.63 -1.77
N ARG A 167 -5.36 -0.46 -1.99
CA ARG A 167 -5.09 0.38 -3.14
C ARG A 167 -3.62 0.78 -3.20
N ASN A 168 -2.95 0.81 -2.06
CA ASN A 168 -1.58 1.26 -2.00
C ASN A 168 -0.57 0.09 -1.94
N CYS A 169 -1.03 -1.11 -2.30
CA CYS A 169 -0.21 -2.28 -2.36
C CYS A 169 -0.17 -2.75 -3.79
N MET A 170 0.98 -3.18 -4.26
CA MET A 170 1.10 -3.52 -5.66
C MET A 170 1.29 -5.01 -5.81
N LEU A 171 1.12 -5.50 -7.04
CA LEU A 171 1.15 -6.91 -7.28
C LEU A 171 1.89 -7.16 -8.57
N ASP A 172 3.00 -7.89 -8.49
CA ASP A 172 3.81 -8.06 -9.72
C ASP A 172 3.43 -9.31 -10.57
N GLU A 173 4.24 -9.57 -11.59
CA GLU A 173 4.01 -10.72 -12.47
C GLU A 173 4.00 -12.08 -11.76
N LYS A 174 4.73 -12.23 -10.65
CA LYS A 174 4.82 -13.51 -9.91
C LYS A 174 3.85 -13.55 -8.75
N PHE A 175 2.90 -12.62 -8.74
CA PHE A 175 1.99 -12.39 -7.60
C PHE A 175 2.67 -12.08 -6.31
N THR A 176 3.82 -11.43 -6.39
CA THR A 176 4.38 -10.84 -5.18
C THR A 176 3.65 -9.51 -4.84
N VAL A 177 3.19 -9.41 -3.60
CA VAL A 177 2.59 -8.17 -3.11
C VAL A 177 3.68 -7.24 -2.57
N LYS A 178 3.69 -5.99 -3.04
CA LYS A 178 4.62 -5.01 -2.58
C LYS A 178 3.91 -3.85 -1.88
N VAL A 179 4.18 -3.67 -0.59
CA VAL A 179 3.70 -2.46 0.09
C VAL A 179 4.28 -1.20 -0.56
N ALA A 180 3.45 -0.21 -0.89
CA ALA A 180 3.92 0.90 -1.72
C ALA A 180 3.45 2.22 -1.11
N ASP A 181 3.53 3.31 -1.87
CA ASP A 181 2.92 4.60 -1.49
C ASP A 181 3.65 5.25 -0.29
N PHE A 182 4.96 5.21 -0.30
CA PHE A 182 5.72 5.78 0.78
C PHE A 182 6.93 6.44 0.13
N GLY A 183 7.61 7.32 0.87
CA GLY A 183 8.77 7.99 0.35
C GLY A 183 8.38 9.01 -0.72
N LEU A 184 9.12 8.97 -1.82
CA LEU A 184 8.95 9.89 -2.96
C LEU A 184 7.70 9.59 -3.83
N ALA A 185 7.07 8.42 -3.55
CA ALA A 185 5.96 7.86 -4.29
C ALA A 185 4.63 8.11 -3.57
N ARG A 186 4.77 8.56 -2.33
CA ARG A 186 3.71 9.11 -1.50
C ARG A 186 2.75 10.11 -2.20
N ASP A 187 1.47 9.71 -2.32
CA ASP A 187 0.38 10.60 -2.73
C ASP A 187 -0.99 10.04 -2.33
N MET A 188 -2.03 10.77 -2.70
CA MET A 188 -3.37 10.22 -2.65
C MET A 188 -3.89 10.08 -4.09
N TYR A 189 -4.07 8.82 -4.49
CA TYR A 189 -4.31 8.43 -5.87
C TYR A 189 -5.79 8.14 -6.21
N ASP A 190 -6.54 7.58 -5.24
CA ASP A 190 -8.00 7.35 -5.35
C ASP A 190 -8.81 8.53 -5.86
N LYS A 191 -9.86 8.20 -6.63
CA LYS A 191 -10.87 9.16 -7.14
C LYS A 191 -11.65 9.83 -6.01
N ALA A 202 -11.64 13.66 3.86
CA ALA A 202 -11.09 13.98 2.53
C ALA A 202 -9.56 13.68 2.34
N LYS A 203 -8.68 14.67 2.54
CA LYS A 203 -7.20 14.45 2.40
C LYS A 203 -6.53 13.43 3.40
N LEU A 204 -7.25 13.09 4.48
CA LEU A 204 -6.88 11.97 5.40
C LEU A 204 -7.79 10.72 5.16
N PRO A 205 -7.18 9.52 4.96
CA PRO A 205 -7.97 8.32 4.64
C PRO A 205 -8.55 7.71 5.96
N VAL A 206 -9.65 8.34 6.41
CA VAL A 206 -10.19 8.17 7.76
C VAL A 206 -10.67 6.76 8.02
N LYS A 207 -11.14 6.07 7.00
CA LYS A 207 -11.68 4.73 7.22
C LYS A 207 -10.60 3.69 7.56
N TRP A 208 -9.32 4.02 7.34
CA TRP A 208 -8.17 3.10 7.67
C TRP A 208 -7.39 3.58 8.89
N MET A 209 -7.71 4.76 9.39
CA MET A 209 -6.98 5.32 10.50
C MET A 209 -7.46 4.81 11.86
N ALA A 210 -6.48 4.45 12.72
CA ALA A 210 -6.71 4.08 14.10
C ALA A 210 -7.39 5.18 14.94
N LEU A 211 -8.13 4.75 15.95
CA LEU A 211 -8.82 5.62 16.86
C LEU A 211 -7.95 6.77 17.40
N GLU A 212 -6.73 6.45 17.84
CA GLU A 212 -5.87 7.50 18.44
C GLU A 212 -5.31 8.48 17.39
N SER A 213 -5.12 8.02 16.15
CA SER A 213 -4.69 8.92 15.05
C SER A 213 -5.83 9.91 14.71
N LEU A 214 -7.06 9.44 14.79
CA LEU A 214 -8.17 10.31 14.52
C LEU A 214 -8.26 11.34 15.59
N GLN A 215 -7.99 10.94 16.83
CA GLN A 215 -8.18 11.87 17.95
C GLN A 215 -7.00 12.85 18.19
N THR A 216 -5.77 12.44 17.85
CA THR A 216 -4.56 13.20 18.18
C THR A 216 -3.75 13.51 16.90
N GLN A 217 -4.08 12.87 15.77
CA GLN A 217 -3.34 13.10 14.51
C GLN A 217 -1.90 12.51 14.61
N LYS A 218 -1.68 11.57 15.53
CA LYS A 218 -0.36 10.94 15.62
C LYS A 218 -0.29 9.43 15.31
N PHE A 219 0.73 9.09 14.52
CA PHE A 219 0.86 7.74 13.93
C PHE A 219 2.05 6.92 14.44
N THR A 220 1.85 5.61 14.62
CA THR A 220 2.89 4.68 15.08
C THR A 220 2.69 3.35 14.36
N THR A 221 3.68 2.45 14.47
CA THR A 221 3.49 1.08 14.02
C THR A 221 2.14 0.48 14.41
N LYS A 222 1.67 0.79 15.64
CA LYS A 222 0.45 0.20 16.19
C LYS A 222 -0.79 0.84 15.49
N SER A 223 -0.60 2.02 14.90
CA SER A 223 -1.65 2.57 14.06
C SER A 223 -1.63 2.00 12.64
N ASP A 224 -0.44 1.60 12.16
CA ASP A 224 -0.37 0.78 10.94
C ASP A 224 -1.05 -0.58 11.16
N VAL A 225 -1.01 -1.15 12.38
CA VAL A 225 -1.60 -2.45 12.62
C VAL A 225 -3.15 -2.34 12.47
N TRP A 226 -3.71 -1.32 13.07
CA TRP A 226 -5.11 -0.99 12.81
C TRP A 226 -5.42 -0.96 11.26
N SER A 227 -4.65 -0.15 10.49
CA SER A 227 -4.89 0.02 9.04
C SER A 227 -4.79 -1.36 8.37
N PHE A 228 -3.78 -2.14 8.80
CA PHE A 228 -3.60 -3.47 8.28
C PHE A 228 -4.87 -4.35 8.48
N GLY A 229 -5.46 -4.31 9.67
CA GLY A 229 -6.75 -4.92 9.91
C GLY A 229 -7.82 -4.54 8.89
N VAL A 230 -7.97 -3.23 8.62
CA VAL A 230 -8.83 -2.79 7.51
C VAL A 230 -8.44 -3.32 6.13
N LEU A 231 -7.14 -3.32 5.82
CA LEU A 231 -6.60 -4.08 4.67
C LEU A 231 -7.08 -5.57 4.56
N LEU A 232 -6.94 -6.38 5.61
CA LEU A 232 -7.46 -7.76 5.58
C LEU A 232 -8.96 -7.81 5.34
N TRP A 233 -9.70 -6.85 5.86
CA TRP A 233 -11.12 -6.80 5.56
C TRP A 233 -11.39 -6.58 4.05
N GLU A 234 -10.74 -5.58 3.41
CA GLU A 234 -10.81 -5.39 1.95
C GLU A 234 -10.42 -6.63 1.17
N LEU A 235 -9.46 -7.38 1.66
CA LEU A 235 -9.05 -8.59 0.98
C LEU A 235 -10.19 -9.57 1.06
N MET A 236 -10.78 -9.77 2.26
CA MET A 236 -11.77 -10.81 2.40
C MET A 236 -13.08 -10.45 1.73
N THR A 237 -13.37 -9.14 1.60
CA THR A 237 -14.52 -8.73 0.81
C THR A 237 -14.22 -8.51 -0.71
N ARG A 238 -12.97 -8.87 -1.13
CA ARG A 238 -12.51 -8.58 -2.50
C ARG A 238 -12.69 -7.08 -2.89
N GLY A 239 -12.27 -6.20 -1.98
CA GLY A 239 -12.14 -4.78 -2.28
C GLY A 239 -13.39 -3.99 -2.07
N ALA A 240 -14.21 -4.36 -1.11
CA ALA A 240 -15.36 -3.53 -0.83
C ALA A 240 -14.88 -2.31 -0.05
N PRO A 241 -15.55 -1.16 -0.23
CA PRO A 241 -15.24 0.03 0.54
C PRO A 241 -15.63 -0.21 1.99
N PRO A 242 -14.67 -0.03 2.92
CA PRO A 242 -15.01 -0.25 4.34
C PRO A 242 -16.00 0.78 4.78
N TYR A 243 -16.97 0.37 5.61
CA TYR A 243 -18.00 1.22 6.22
C TYR A 243 -18.87 1.98 5.22
N PRO A 244 -19.44 1.27 4.22
CA PRO A 244 -20.22 2.00 3.20
C PRO A 244 -21.36 2.89 3.77
N ASP A 245 -22.06 2.43 4.80
CA ASP A 245 -23.21 3.19 5.39
C ASP A 245 -22.83 4.37 6.27
N VAL A 246 -21.52 4.59 6.44
CA VAL A 246 -21.01 5.50 7.48
C VAL A 246 -20.29 6.75 6.97
N ASN A 247 -20.75 7.91 7.42
CA ASN A 247 -20.09 9.17 7.05
C ASN A 247 -18.65 9.30 7.57
N THR A 248 -17.78 9.67 6.62
CA THR A 248 -16.37 9.97 6.82
C THR A 248 -16.07 10.89 8.06
N PHE A 249 -16.88 11.92 8.26
CA PHE A 249 -16.76 12.76 9.46
C PHE A 249 -17.39 12.17 10.73
N ASP A 250 -18.24 11.16 10.60
CA ASP A 250 -18.78 10.48 11.79
C ASP A 250 -17.94 9.27 12.32
N ILE A 251 -16.92 8.85 11.57
CA ILE A 251 -16.15 7.64 11.90
C ILE A 251 -15.69 7.45 13.36
N THR A 252 -15.14 8.51 14.01
CA THR A 252 -14.68 8.45 15.42
C THR A 252 -15.82 8.06 16.37
N VAL A 253 -16.95 8.74 16.25
CA VAL A 253 -18.16 8.48 17.03
C VAL A 253 -18.67 7.04 16.74
N TYR A 254 -18.64 6.64 15.48
CA TYR A 254 -18.99 5.28 15.10
C TYR A 254 -18.15 4.27 15.91
N LEU A 255 -16.82 4.44 15.83
CA LEU A 255 -15.87 3.54 16.51
C LEU A 255 -16.01 3.58 18.06
N LEU A 256 -16.32 4.77 18.61
CA LEU A 256 -16.49 4.96 20.04
C LEU A 256 -17.84 4.49 20.56
N GLN A 257 -18.71 4.06 19.66
CA GLN A 257 -20.04 3.60 20.06
C GLN A 257 -20.03 2.12 20.30
N GLY A 258 -18.95 1.47 19.86
CA GLY A 258 -18.79 0.05 20.04
C GLY A 258 -18.72 -0.74 18.74
N ARG A 259 -18.45 -0.05 17.63
CA ARG A 259 -18.68 -0.62 16.33
C ARG A 259 -17.39 -0.92 15.56
N ARG A 260 -17.41 -2.04 14.80
CA ARG A 260 -16.31 -2.50 13.94
C ARG A 260 -16.87 -3.04 12.62
N LEU A 261 -16.05 -3.11 11.55
CA LEU A 261 -16.40 -3.87 10.30
C LEU A 261 -16.97 -5.27 10.57
N LEU A 262 -18.09 -5.66 9.90
CA LEU A 262 -18.65 -7.05 10.07
C LEU A 262 -17.70 -8.11 9.56
N GLN A 263 -17.85 -9.35 10.03
CA GLN A 263 -17.08 -10.47 9.44
C GLN A 263 -17.48 -10.64 7.99
N PRO A 264 -16.53 -10.54 7.03
CA PRO A 264 -16.95 -10.87 5.63
C PRO A 264 -17.41 -12.32 5.44
N GLU A 265 -18.41 -12.54 4.61
CA GLU A 265 -18.92 -13.89 4.33
C GLU A 265 -17.89 -15.03 4.26
N TYR A 266 -16.75 -14.78 3.62
CA TYR A 266 -15.75 -15.80 3.34
C TYR A 266 -14.51 -15.64 4.25
N CYS A 267 -14.58 -14.77 5.21
CA CYS A 267 -13.44 -14.64 6.13
C CYS A 267 -13.48 -15.71 7.22
N PRO A 268 -12.41 -16.53 7.37
CA PRO A 268 -12.51 -17.51 8.46
C PRO A 268 -12.59 -16.79 9.84
N ASP A 269 -13.32 -17.40 10.77
CA ASP A 269 -13.30 -16.99 12.15
C ASP A 269 -11.93 -16.56 12.70
N PRO A 270 -10.94 -17.48 12.74
CA PRO A 270 -9.66 -17.07 13.30
C PRO A 270 -9.07 -15.81 12.62
N LEU A 271 -9.30 -15.60 11.31
CA LEU A 271 -8.82 -14.37 10.65
C LEU A 271 -9.59 -13.15 11.09
N TYR A 272 -10.89 -13.33 11.43
CA TYR A 272 -11.72 -12.22 11.91
C TYR A 272 -11.27 -11.81 13.29
N GLU A 273 -10.99 -12.80 14.13
CA GLU A 273 -10.36 -12.59 15.42
C GLU A 273 -9.09 -11.71 15.30
N VAL A 274 -8.25 -11.97 14.30
CA VAL A 274 -7.11 -11.12 13.97
C VAL A 274 -7.51 -9.68 13.60
N MET A 275 -8.43 -9.52 12.66
CA MET A 275 -8.96 -8.17 12.48
C MET A 275 -9.33 -7.46 13.82
N LEU A 276 -10.14 -8.12 14.67
CA LEU A 276 -10.63 -7.49 15.95
C LEU A 276 -9.47 -7.10 16.86
N LYS A 277 -8.49 -7.98 16.98
CA LYS A 277 -7.26 -7.69 17.69
C LYS A 277 -6.57 -6.43 17.14
N CYS A 278 -6.35 -6.36 15.82
CA CYS A 278 -5.78 -5.15 15.13
C CYS A 278 -6.54 -3.85 15.47
N TRP A 279 -7.82 -3.95 15.80
CA TRP A 279 -8.63 -2.79 16.09
C TRP A 279 -8.90 -2.63 17.57
N HIS A 280 -8.12 -3.27 18.43
CA HIS A 280 -8.23 -2.98 19.86
C HIS A 280 -8.18 -1.46 20.10
N PRO A 281 -9.02 -0.92 20.99
CA PRO A 281 -9.01 0.57 21.17
C PRO A 281 -7.69 1.15 21.73
N LYS A 282 -6.95 0.32 22.48
CA LYS A 282 -5.70 0.71 23.11
C LYS A 282 -4.56 0.11 22.26
N ALA A 283 -3.75 0.98 21.66
CA ALA A 283 -2.62 0.59 20.77
C ALA A 283 -1.64 -0.42 21.35
N GLU A 284 -1.37 -0.36 22.65
CA GLU A 284 -0.45 -1.35 23.25
C GLU A 284 -1.00 -2.78 23.11
N MET A 285 -2.28 -2.98 23.32
CA MET A 285 -2.90 -4.30 23.17
C MET A 285 -2.94 -4.88 21.74
N ARG A 286 -2.62 -4.11 20.70
CA ARG A 286 -2.68 -4.61 19.33
C ARG A 286 -1.46 -5.51 19.12
N PRO A 287 -1.63 -6.57 18.31
CA PRO A 287 -0.53 -7.48 17.95
C PRO A 287 0.43 -6.76 17.08
N SER A 288 1.71 -7.12 17.24
CA SER A 288 2.76 -6.60 16.43
C SER A 288 2.69 -7.31 15.11
N PHE A 289 3.30 -6.74 14.10
CA PHE A 289 3.48 -7.35 12.81
C PHE A 289 4.19 -8.70 12.88
N SER A 290 5.18 -8.86 13.79
CA SER A 290 5.75 -10.20 13.99
C SER A 290 4.69 -11.21 14.34
N GLU A 291 3.90 -10.88 15.37
CA GLU A 291 2.83 -11.73 15.79
C GLU A 291 1.81 -11.91 14.67
N LEU A 292 1.54 -10.87 13.83
CA LEU A 292 0.66 -11.02 12.63
C LEU A 292 1.18 -12.01 11.56
N VAL A 293 2.47 -11.98 11.29
CA VAL A 293 3.00 -12.92 10.34
C VAL A 293 2.86 -14.36 10.88
N SER A 294 3.24 -14.55 12.13
CA SER A 294 3.11 -15.85 12.78
C SER A 294 1.65 -16.35 12.79
N ARG A 295 0.72 -15.52 13.24
CA ARG A 295 -0.66 -15.97 13.29
C ARG A 295 -1.28 -16.20 11.93
N ILE A 296 -1.01 -15.33 10.97
CA ILE A 296 -1.66 -15.45 9.68
C ILE A 296 -1.12 -16.65 8.91
N SER A 297 0.16 -16.94 9.08
CA SER A 297 0.81 -18.13 8.58
C SER A 297 0.09 -19.40 8.97
N ALA A 298 -0.24 -19.49 10.27
CA ALA A 298 -0.98 -20.62 10.81
C ALA A 298 -2.26 -20.83 9.99
N ILE A 299 -3.01 -19.72 9.84
CA ILE A 299 -4.29 -19.74 9.15
C ILE A 299 -4.07 -20.06 7.69
N PHE A 300 -3.17 -19.34 6.99
CA PHE A 300 -2.81 -19.72 5.64
C PHE A 300 -2.49 -21.23 5.41
N SER A 301 -1.73 -21.86 6.30
CA SER A 301 -1.24 -23.24 6.14
C SER A 301 -2.38 -24.29 6.11
N THR A 302 -3.59 -23.84 6.45
CA THR A 302 -4.75 -24.73 6.53
C THR A 302 -5.64 -24.70 5.30
N PHE A 303 -5.46 -23.71 4.44
CA PHE A 303 -6.34 -23.51 3.30
C PHE A 303 -5.60 -23.99 2.09
N ILE A 304 -6.32 -24.61 1.15
CA ILE A 304 -5.65 -25.22 0.00
C ILE A 304 -6.19 -24.85 -1.42
N GLY A 305 -6.97 -23.76 -1.54
CA GLY A 305 -7.55 -23.38 -2.85
C GLY A 305 -8.84 -24.15 -3.18
N GLU A 306 -9.52 -24.63 -2.15
CA GLU A 306 -10.82 -25.27 -2.33
C GLU A 306 -11.96 -24.21 -2.31
N HIS A 307 -11.76 -23.12 -1.54
CA HIS A 307 -12.85 -22.15 -1.31
C HIS A 307 -12.74 -20.90 -2.22
N TYR A 308 -13.53 -20.88 -3.29
CA TYR A 308 -13.59 -19.72 -4.20
C TYR A 308 -14.30 -18.55 -3.56
N VAL A 309 -13.73 -17.35 -3.65
CA VAL A 309 -14.33 -16.16 -3.05
C VAL A 309 -15.05 -15.35 -4.16
N HIS A 310 -16.29 -14.94 -3.87
CA HIS A 310 -17.17 -14.27 -4.85
C HIS A 310 -17.67 -13.02 -4.17
N VAL A 311 -17.91 -11.97 -4.97
CA VAL A 311 -18.30 -10.67 -4.38
C VAL A 311 -19.68 -10.72 -3.70
N ASN A 312 -19.73 -10.19 -2.48
CA ASN A 312 -20.95 -9.99 -1.68
C ASN A 312 -21.93 -8.95 -2.25
N ALA A 313 -23.23 -9.27 -2.19
CA ALA A 313 -24.34 -8.46 -2.77
C ALA A 313 -24.47 -7.00 -2.27
N THR A 314 -24.19 -6.77 -0.97
CA THR A 314 -24.33 -5.48 -0.29
C THR A 314 -23.23 -4.45 -0.62
N TYR A 315 -22.02 -4.95 -0.86
CA TYR A 315 -20.82 -4.13 -1.09
C TYR A 315 -20.55 -3.83 -2.58
N VAL A 316 -21.07 -4.68 -3.46
CA VAL A 316 -20.87 -4.61 -4.91
C VAL A 316 -21.32 -3.26 -5.49
N ASN A 317 -20.42 -2.63 -6.26
CA ASN A 317 -20.67 -1.36 -6.96
C ASN A 317 -20.89 -0.20 -5.97
N VAL A 318 -19.95 0.02 -5.05
CA VAL A 318 -20.07 1.14 -4.11
C VAL A 318 -18.80 2.02 -4.10
N LYS A 319 -18.97 3.33 -4.25
CA LYS A 319 -17.86 4.27 -4.12
C LYS A 319 -17.52 4.49 -2.63
CL CL B . -9.09 -22.11 -0.07
C1 IPA C . -4.13 3.18 -6.11
C2 IPA C . -5.16 4.01 -5.38
C3 IPA C . -4.51 4.98 -4.41
O2 IPA C . -5.77 4.81 -6.37
C1 IPA D . -17.04 -15.41 15.05
C2 IPA D . -15.55 -15.56 15.33
C3 IPA D . -14.78 -14.35 14.83
O2 IPA D . -15.30 -15.58 16.69
C1 DFQ E . -3.12 -3.97 -14.93
N2 DFQ E . -1.91 -3.32 -14.42
C4 DFQ E . -1.80 -2.00 -14.20
O5 DFQ E . -2.70 -1.17 -14.42
C6 DFQ E . -0.56 -1.59 -13.68
C7 DFQ E . -0.20 -0.25 -13.43
C8 DFQ E . 0.99 0.01 -12.70
C9 DFQ E . 1.03 1.10 -11.82
C10 DFQ E . 2.16 1.34 -11.08
C11 DFQ E . 2.23 2.45 -10.24
C12 DFQ E . 2.11 -0.82 -12.70
N13 DFQ E . 3.18 -0.57 -11.96
C14 DFQ E . 3.26 0.48 -11.15
C15 DFQ E . 4.42 0.70 -10.41
C16 DFQ E . 4.47 1.79 -9.55
C17 DFQ E . 3.40 2.67 -9.47
O18 DFQ E . 3.55 3.74 -8.64
C19 DFQ E . 2.54 4.86 -8.50
C20 DFQ E . 3.27 6.17 -8.07
C21 DFQ E . 1.47 4.35 -7.50
C22 DFQ E . 1.76 3.68 -6.28
CL23 DFQ E . 3.36 3.40 -5.71
C24 DFQ E . 0.71 3.24 -5.44
F25 DFQ E . 0.96 2.60 -4.27
C26 DFQ E . -0.62 3.44 -5.81
C27 DFQ E . -0.90 4.07 -7.01
C28 DFQ E . 0.14 4.50 -7.83
CL29 DFQ E . -0.28 5.27 -9.28
#